data_2C9H
#
_entry.id   2C9H
#
_cell.length_a   116.725
_cell.length_b   58.056
_cell.length_c   58.987
_cell.angle_alpha   90.00
_cell.angle_beta   90.00
_cell.angle_gamma   90.00
#
_symmetry.space_group_name_H-M   'P 21 21 2'
#
loop_
_entity.id
_entity.type
_entity.pdbx_description
1 polymer 'MITOCHONDRIAL BETA-KETOACYL SYNTHASE'
2 non-polymer 'NICKEL (II) ION'
3 water water
#
_entity_poly.entity_id   1
_entity_poly.type   'polypeptide(L)'
_entity_poly.pdbx_seq_one_letter_code
;MHHHHHHSSGVDLGTENLYFQSMRLHRRVVITGIGLVTPLGVGTHLVWDRLIGGESGIVSLVGEEYKSIPCSVAAYVPRG
SDEGQFNEQNFVSKSDIKSMSSPTIMAIGAAELAMKDSGWHPQSEADQVATGVAIGMGMIPLEVVSETALNFQTKGYNKV
SPFFVPKILVNMAAGQVSIRYKLKGPNHAVSTA(CSD)TTGAHAVGDSFRFIAHGDADVMVAGGTDSCISPLSLAGFSRA
RALSTNSDPKLACRPFHPKRDGFVMGEGAAVLVLEEYEHAVQRRARIYAEVLGYGLSGDAGHITAPDPEGEGALRCMAAA
LKDAGVQPEEISYINAHATSTPLGDAAENKAIKHLFKDHAYALAVSSTKGATGHLLGAAGAVEAAFTTLACYYQKLPPTL
NLDCSEPEFDLNYVPLKAQEWKTEKRFIGLTNSFGFGGTNATLCIAGL
;
_entity_poly.pdbx_strand_id   A
#
loop_
_chem_comp.id
_chem_comp.type
_chem_comp.name
_chem_comp.formula
NI non-polymer 'NICKEL (II) ION' 'Ni 2'
#
# COMPACT_ATOMS: atom_id res chain seq x y z
N LEU A 18 6.20 35.96 11.47
CA LEU A 18 5.75 37.28 10.93
C LEU A 18 6.60 37.62 9.72
N TYR A 19 7.89 37.84 9.97
CA TYR A 19 8.91 37.85 8.92
C TYR A 19 9.28 36.40 8.59
N PHE A 20 9.11 35.51 9.57
CA PHE A 20 9.51 34.11 9.46
C PHE A 20 8.40 33.18 8.95
N GLN A 21 7.15 33.49 9.26
CA GLN A 21 6.07 32.54 9.10
C GLN A 21 4.95 33.12 8.23
N SER A 22 4.92 32.72 6.96
CA SER A 22 3.85 33.11 6.05
C SER A 22 2.64 32.18 6.18
N MET A 23 1.53 32.64 5.64
CA MET A 23 0.36 31.79 5.48
C MET A 23 0.25 31.53 4.00
N ARG A 24 -0.20 30.32 3.65
CA ARG A 24 -0.64 30.06 2.31
C ARG A 24 -1.80 29.08 2.34
N LEU A 25 -2.54 29.09 1.25
CA LEU A 25 -3.74 28.28 1.08
C LEU A 25 -3.36 26.81 1.15
N HIS A 26 -4.08 26.05 1.97
CA HIS A 26 -4.14 24.61 1.89
C HIS A 26 -5.58 24.30 1.51
N ARG A 27 -5.76 23.61 0.39
CA ARG A 27 -7.09 23.05 0.00
C ARG A 27 -7.35 21.72 0.71
N ARG A 28 -8.63 21.37 0.91
CA ARG A 28 -8.95 20.04 1.43
C ARG A 28 -8.88 19.03 0.30
N VAL A 29 -8.60 17.78 0.66
CA VAL A 29 -8.30 16.73 -0.34
C VAL A 29 -9.13 15.50 -0.02
N VAL A 30 -9.75 14.92 -1.03
CA VAL A 30 -10.61 13.74 -0.86
C VAL A 30 -10.26 12.64 -1.83
N ILE A 31 -10.72 11.43 -1.51
CA ILE A 31 -10.44 10.28 -2.36
C ILE A 31 -11.73 9.97 -3.14
N THR A 32 -11.64 9.86 -4.48
CA THR A 32 -12.79 9.68 -5.37
C THR A 32 -12.76 8.43 -6.26
N GLY A 33 -11.72 7.63 -6.10
CA GLY A 33 -11.48 6.48 -6.99
C GLY A 33 -10.49 5.54 -6.35
N ILE A 34 -10.78 4.25 -6.41
CA ILE A 34 -9.88 3.22 -5.93
C ILE A 34 -9.75 2.13 -6.97
N GLY A 35 -8.51 1.73 -7.22
CA GLY A 35 -8.18 0.67 -8.20
C GLY A 35 -7.20 -0.34 -7.65
N LEU A 36 -7.58 -1.62 -7.72
CA LEU A 36 -6.87 -2.65 -6.98
C LEU A 36 -6.50 -3.88 -7.85
N VAL A 37 -5.21 -4.17 -7.89
CA VAL A 37 -4.69 -5.41 -8.47
C VAL A 37 -3.89 -6.12 -7.40
N THR A 38 -4.48 -7.15 -6.80
CA THR A 38 -3.95 -7.70 -5.54
C THR A 38 -4.09 -9.22 -5.58
N PRO A 39 -3.45 -9.93 -4.63
CA PRO A 39 -3.64 -11.37 -4.41
C PRO A 39 -5.05 -11.81 -4.02
N LEU A 40 -5.90 -10.86 -3.61
CA LEU A 40 -7.34 -11.11 -3.38
C LEU A 40 -8.14 -11.01 -4.69
N GLY A 41 -7.52 -10.49 -5.73
CA GLY A 41 -8.21 -10.27 -6.99
C GLY A 41 -8.10 -8.85 -7.47
N VAL A 42 -8.75 -8.62 -8.62
CA VAL A 42 -8.81 -7.36 -9.29
C VAL A 42 -10.23 -6.84 -9.18
N GLY A 43 -10.36 -5.54 -8.89
CA GLY A 43 -11.66 -4.91 -8.85
C GLY A 43 -11.98 -4.53 -7.43
N THR A 44 -12.40 -3.28 -7.24
CA THR A 44 -12.53 -2.73 -5.89
C THR A 44 -13.59 -3.35 -4.96
N HIS A 45 -14.85 -3.43 -5.40
CA HIS A 45 -15.87 -4.01 -4.53
C HIS A 45 -15.70 -5.50 -4.36
N LEU A 46 -15.17 -6.16 -5.37
CA LEU A 46 -14.86 -7.58 -5.24
C LEU A 46 -13.73 -7.86 -4.23
N VAL A 47 -12.65 -7.10 -4.30
CA VAL A 47 -11.55 -7.29 -3.36
C VAL A 47 -12.02 -6.94 -1.96
N TRP A 48 -12.84 -5.89 -1.83
CA TRP A 48 -13.37 -5.52 -0.52
C TRP A 48 -14.21 -6.63 0.09
N ASP A 49 -15.05 -7.26 -0.74
CA ASP A 49 -15.89 -8.36 -0.29
C ASP A 49 -15.11 -9.58 0.14
N ARG A 50 -14.14 -9.96 -0.67
CA ARG A 50 -13.20 -11.01 -0.25
C ARG A 50 -12.43 -10.71 1.01
N LEU A 51 -11.95 -9.47 1.17
CA LEU A 51 -11.28 -9.07 2.39
C LEU A 51 -12.17 -9.17 3.64
N ILE A 52 -13.32 -8.51 3.60
CA ILE A 52 -14.30 -8.50 4.69
CA ILE A 52 -14.19 -8.52 4.77
C ILE A 52 -14.77 -9.92 5.04
N GLY A 53 -14.89 -10.75 3.99
CA GLY A 53 -15.28 -12.13 4.13
C GLY A 53 -14.21 -13.02 4.76
N GLY A 54 -13.03 -12.49 5.03
CA GLY A 54 -11.96 -13.25 5.66
C GLY A 54 -11.17 -14.17 4.74
N GLU A 55 -11.17 -13.85 3.45
CA GLU A 55 -10.41 -14.61 2.48
C GLU A 55 -8.93 -14.21 2.42
N SER A 56 -8.08 -15.11 1.91
CA SER A 56 -6.63 -14.83 1.79
C SER A 56 -6.14 -15.23 0.39
N GLY A 57 -5.08 -14.57 -0.07
CA GLY A 57 -4.45 -14.88 -1.34
C GLY A 57 -3.14 -15.64 -1.22
N ILE A 58 -2.75 -15.95 0.03
CA ILE A 58 -1.50 -16.63 0.30
C ILE A 58 -1.66 -18.08 -0.12
N VAL A 59 -0.71 -18.55 -0.91
CA VAL A 59 -0.73 -19.90 -1.41
C VAL A 59 0.67 -20.52 -1.21
N SER A 60 0.77 -21.82 -1.48
CA SER A 60 2.05 -22.52 -1.61
C SER A 60 2.84 -22.17 -2.85
N LEU A 61 4.15 -22.01 -2.65
CA LEU A 61 5.08 -21.95 -3.77
C LEU A 61 5.19 -23.33 -4.40
N VAL A 62 4.88 -23.43 -5.69
CA VAL A 62 5.22 -24.60 -6.48
C VAL A 62 6.25 -24.18 -7.53
N GLY A 63 7.19 -25.09 -7.80
CA GLY A 63 8.29 -24.79 -8.67
C GLY A 63 9.57 -25.32 -8.10
N GLU A 64 10.29 -26.09 -8.91
CA GLU A 64 11.59 -26.58 -8.51
C GLU A 64 12.57 -25.42 -8.28
N GLU A 65 12.27 -24.26 -8.86
CA GLU A 65 13.13 -23.07 -8.73
C GLU A 65 13.11 -22.47 -7.32
N TYR A 66 12.12 -22.87 -6.51
CA TYR A 66 12.02 -22.40 -5.13
C TYR A 66 12.54 -23.40 -4.10
N LYS A 67 13.09 -24.52 -4.57
CA LYS A 67 13.52 -25.62 -3.69
C LYS A 67 14.63 -25.24 -2.71
N SER A 68 15.47 -24.28 -3.10
CA SER A 68 16.67 -23.89 -2.33
C SER A 68 16.37 -22.98 -1.12
N ILE A 69 15.20 -22.33 -1.15
CA ILE A 69 14.84 -21.27 -0.21
C ILE A 69 13.98 -21.84 0.91
N PRO A 70 14.22 -21.41 2.17
CA PRO A 70 13.45 -21.91 3.30
C PRO A 70 11.99 -21.46 3.37
N CYS A 71 11.63 -20.48 2.54
CA CYS A 71 10.26 -20.01 2.44
C CYS A 71 9.52 -20.83 1.42
N SER A 72 8.24 -21.11 1.69
CA SER A 72 7.45 -21.95 0.78
C SER A 72 6.02 -21.43 0.55
N VAL A 73 5.76 -20.17 0.90
CA VAL A 73 4.46 -19.52 0.64
C VAL A 73 4.69 -18.11 0.08
N ALA A 74 3.70 -17.62 -0.66
CA ALA A 74 3.70 -16.28 -1.27
C ALA A 74 2.28 -15.94 -1.64
N ALA A 75 2.01 -14.66 -1.92
CA ALA A 75 0.70 -14.21 -2.37
C ALA A 75 0.81 -13.65 -3.79
N TYR A 76 0.29 -14.40 -4.75
CA TYR A 76 0.28 -14.01 -6.15
C TYR A 76 -1.03 -13.35 -6.50
N VAL A 77 -0.98 -12.37 -7.41
CA VAL A 77 -2.16 -11.86 -8.12
C VAL A 77 -2.71 -12.98 -9.03
N PRO A 78 -4.00 -13.36 -8.85
CA PRO A 78 -4.47 -14.45 -9.70
C PRO A 78 -4.64 -13.93 -11.12
N ARG A 79 -4.16 -14.71 -12.08
CA ARG A 79 -4.14 -14.30 -13.49
C ARG A 79 -5.07 -15.12 -14.38
N GLY A 80 -5.73 -14.45 -15.32
CA GLY A 80 -6.69 -15.11 -16.19
C GLY A 80 -7.84 -14.20 -16.56
N SER A 81 -8.81 -14.77 -17.27
CA SER A 81 -9.97 -14.00 -17.75
C SER A 81 -11.23 -14.24 -16.92
N ASP A 82 -11.10 -14.99 -15.83
CA ASP A 82 -12.22 -15.26 -14.95
C ASP A 82 -12.45 -14.14 -13.95
N GLU A 83 -13.50 -14.30 -13.15
CA GLU A 83 -13.93 -13.31 -12.16
C GLU A 83 -12.80 -12.94 -11.20
N GLY A 84 -12.49 -11.64 -11.15
CA GLY A 84 -11.52 -11.08 -10.20
C GLY A 84 -10.07 -11.37 -10.55
N GLN A 85 -9.85 -11.82 -11.77
CA GLN A 85 -8.51 -12.23 -12.15
C GLN A 85 -7.88 -11.13 -12.97
N PHE A 86 -6.56 -11.12 -13.02
CA PHE A 86 -5.85 -10.13 -13.80
C PHE A 86 -5.49 -10.60 -15.21
N ASN A 87 -6.05 -9.93 -16.21
CA ASN A 87 -5.73 -10.18 -17.60
C ASN A 87 -5.01 -8.97 -18.17
N GLU A 88 -3.69 -9.08 -18.27
CA GLU A 88 -2.84 -7.98 -18.72
C GLU A 88 -3.35 -7.33 -20.00
N GLN A 89 -3.92 -8.14 -20.87
CA GLN A 89 -4.28 -7.73 -22.23
C GLN A 89 -5.57 -6.94 -22.28
N ASN A 90 -6.30 -6.88 -21.16
CA ASN A 90 -7.37 -5.91 -21.00
C ASN A 90 -6.85 -4.47 -20.94
N PHE A 91 -5.58 -4.28 -20.56
CA PHE A 91 -5.01 -2.95 -20.35
C PHE A 91 -3.85 -2.58 -21.25
N VAL A 92 -3.07 -3.56 -21.70
CA VAL A 92 -1.86 -3.31 -22.47
C VAL A 92 -1.73 -4.27 -23.64
N SER A 93 -1.16 -3.78 -24.72
CA SER A 93 -0.97 -4.57 -25.92
C SER A 93 0.25 -5.48 -25.78
N LYS A 94 0.30 -6.50 -26.63
CA LYS A 94 1.39 -7.47 -26.61
C LYS A 94 2.74 -6.81 -26.90
N SER A 95 2.71 -5.68 -27.61
CA SER A 95 3.91 -4.90 -27.90
C SER A 95 4.38 -4.08 -26.68
N ASP A 96 3.44 -3.36 -26.05
CA ASP A 96 3.73 -2.59 -24.83
C ASP A 96 4.39 -3.47 -23.78
N ILE A 97 3.86 -4.69 -23.65
CA ILE A 97 4.37 -5.65 -22.69
C ILE A 97 5.88 -5.90 -22.84
N LYS A 98 6.40 -5.69 -24.05
CA LYS A 98 7.83 -5.81 -24.31
C LYS A 98 8.67 -4.72 -23.63
N SER A 99 8.12 -3.51 -23.53
CA SER A 99 8.84 -2.38 -22.93
C SER A 99 8.54 -2.13 -21.46
N MET A 100 7.68 -2.94 -20.85
CA MET A 100 7.26 -2.73 -19.46
C MET A 100 7.53 -3.89 -18.55
N SER A 101 7.91 -3.57 -17.32
CA SER A 101 8.06 -4.55 -16.27
C SER A 101 6.70 -5.00 -15.77
N SER A 102 6.70 -6.07 -14.99
CA SER A 102 5.46 -6.61 -14.43
C SER A 102 4.80 -5.58 -13.49
N PRO A 103 5.56 -4.96 -12.58
CA PRO A 103 4.94 -3.95 -11.73
C PRO A 103 4.31 -2.79 -12.49
N THR A 104 4.90 -2.43 -13.64
CA THR A 104 4.38 -1.30 -14.43
C THR A 104 3.04 -1.65 -15.06
N ILE A 105 2.93 -2.87 -15.56
CA ILE A 105 1.69 -3.37 -16.10
C ILE A 105 0.59 -3.41 -15.03
N MET A 106 0.91 -3.91 -13.84
CA MET A 106 -0.05 -3.90 -12.74
C MET A 106 -0.45 -2.48 -12.34
N ALA A 107 0.49 -1.54 -12.36
CA ALA A 107 0.19 -0.14 -12.06
C ALA A 107 -0.73 0.47 -13.11
N ILE A 108 -0.50 0.13 -14.37
CA ILE A 108 -1.35 0.64 -15.47
C ILE A 108 -2.81 0.13 -15.28
N GLY A 109 -2.94 -1.16 -14.95
CA GLY A 109 -4.26 -1.79 -14.62
C GLY A 109 -4.96 -1.11 -13.44
N ALA A 110 -4.27 -0.97 -12.31
CA ALA A 110 -4.83 -0.32 -11.11
C ALA A 110 -5.20 1.15 -11.38
N ALA A 111 -4.38 1.83 -12.15
CA ALA A 111 -4.65 3.21 -12.51
C ALA A 111 -5.92 3.40 -13.36
N GLU A 112 -6.06 2.58 -14.39
CA GLU A 112 -7.27 2.59 -15.22
C GLU A 112 -8.51 2.32 -14.38
N LEU A 113 -8.41 1.38 -13.44
CA LEU A 113 -9.54 1.04 -12.60
C LEU A 113 -9.88 2.16 -11.62
N ALA A 114 -8.85 2.83 -11.08
CA ALA A 114 -9.04 3.96 -10.16
C ALA A 114 -9.73 5.16 -10.84
N MET A 115 -9.29 5.48 -12.04
CA MET A 115 -9.85 6.60 -12.80
C MET A 115 -11.30 6.30 -13.28
N LYS A 116 -11.56 5.07 -13.72
CA LYS A 116 -12.94 4.60 -13.98
C LYS A 116 -13.80 4.75 -12.72
N ASP A 117 -13.23 4.41 -11.55
CA ASP A 117 -13.96 4.50 -10.29
C ASP A 117 -14.25 5.92 -9.85
N SER A 118 -13.45 6.89 -10.30
CA SER A 118 -13.61 8.35 -9.97
C SER A 118 -14.39 9.06 -11.06
N GLY A 119 -14.50 8.41 -12.19
CA GLY A 119 -15.09 9.03 -13.38
C GLY A 119 -14.21 10.15 -13.95
N TRP A 120 -12.90 10.07 -13.77
CA TRP A 120 -12.03 11.18 -14.12
C TRP A 120 -11.20 10.81 -15.35
N HIS A 121 -11.50 11.43 -16.50
CA HIS A 121 -10.86 11.08 -17.78
C HIS A 121 -10.42 12.37 -18.51
N PRO A 122 -9.37 13.02 -18.01
CA PRO A 122 -8.90 14.30 -18.51
C PRO A 122 -8.71 14.37 -20.02
N GLN A 123 -9.45 15.24 -20.67
CA GLN A 123 -9.33 15.43 -22.15
C GLN A 123 -8.81 16.82 -22.54
N SER A 124 -9.24 17.85 -21.84
CA SER A 124 -8.75 19.21 -22.11
C SER A 124 -7.34 19.41 -21.56
N GLU A 125 -6.55 20.20 -22.28
CA GLU A 125 -5.26 20.60 -21.77
C GLU A 125 -5.33 21.06 -20.30
N ALA A 126 -6.34 21.84 -19.92
CA ALA A 126 -6.40 22.31 -18.52
C ALA A 126 -6.55 21.19 -17.49
N ASP A 127 -7.35 20.16 -17.81
CA ASP A 127 -7.56 19.07 -16.88
C ASP A 127 -6.40 18.12 -16.91
N GLN A 128 -5.72 18.06 -18.06
CA GLN A 128 -4.53 17.21 -18.16
C GLN A 128 -3.38 17.75 -17.31
N VAL A 129 -3.13 19.05 -17.44
CA VAL A 129 -2.18 19.78 -16.59
C VAL A 129 -2.53 19.75 -15.09
N ALA A 130 -3.81 19.78 -14.74
CA ALA A 130 -4.28 19.68 -13.33
C ALA A 130 -4.09 18.32 -12.64
N THR A 131 -3.82 17.27 -13.43
CA THR A 131 -3.71 15.89 -12.93
C THR A 131 -2.33 15.32 -13.09
N GLY A 132 -1.77 14.89 -11.96
CA GLY A 132 -0.46 14.31 -11.95
C GLY A 132 -0.52 12.88 -11.51
N VAL A 133 0.67 12.26 -11.42
CA VAL A 133 0.81 10.85 -11.03
C VAL A 133 1.90 10.77 -9.97
N ALA A 134 1.60 10.11 -8.86
CA ALA A 134 2.60 9.80 -7.85
C ALA A 134 2.52 8.31 -7.58
N ILE A 135 3.28 7.49 -8.32
CA ILE A 135 3.26 6.02 -8.16
C ILE A 135 4.67 5.53 -7.90
N GLY A 136 4.86 4.93 -6.73
CA GLY A 136 6.16 4.42 -6.32
C GLY A 136 6.27 2.93 -6.50
N MET A 137 7.50 2.46 -6.42
CA MET A 137 7.86 1.07 -6.55
C MET A 137 8.96 0.80 -5.51
N GLY A 138 8.86 -0.33 -4.81
CA GLY A 138 9.76 -0.63 -3.71
C GLY A 138 11.09 -1.24 -4.12
N MET A 139 11.03 -2.14 -5.10
CA MET A 139 12.19 -2.77 -5.69
C MET A 139 11.98 -2.93 -7.19
N ILE A 140 13.03 -2.65 -7.96
CA ILE A 140 12.97 -2.92 -9.40
C ILE A 140 12.93 -4.42 -9.61
N PRO A 141 12.54 -4.86 -10.81
CA PRO A 141 12.44 -6.31 -10.97
C PRO A 141 13.83 -6.92 -11.23
N LEU A 142 14.28 -7.76 -10.29
CA LEU A 142 15.65 -8.24 -10.27
C LEU A 142 15.97 -9.10 -11.48
N GLU A 143 14.95 -9.77 -12.00
CA GLU A 143 15.13 -10.72 -13.11
C GLU A 143 15.36 -9.96 -14.42
N VAL A 144 14.88 -8.73 -14.50
CA VAL A 144 15.17 -7.92 -15.69
C VAL A 144 16.67 -7.60 -15.73
N VAL A 145 17.23 -7.33 -14.55
CA VAL A 145 18.64 -6.99 -14.40
C VAL A 145 19.49 -8.23 -14.66
N SER A 146 19.22 -9.34 -13.98
CA SER A 146 20.09 -10.50 -14.13
C SER A 146 19.99 -11.14 -15.53
N GLU A 147 18.80 -11.14 -16.15
CA GLU A 147 18.63 -11.63 -17.55
C GLU A 147 19.34 -10.75 -18.58
N THR A 148 19.32 -9.43 -18.38
CA THR A 148 20.11 -8.56 -19.25
C THR A 148 21.61 -8.74 -18.97
N ALA A 149 22.00 -8.85 -17.71
CA ALA A 149 23.41 -9.06 -17.40
C ALA A 149 23.89 -10.33 -18.10
N LEU A 150 23.03 -11.36 -18.10
CA LEU A 150 23.38 -12.63 -18.73
C LEU A 150 23.52 -12.46 -20.23
N ASN A 151 22.58 -11.78 -20.87
CA ASN A 151 22.61 -11.55 -22.32
C ASN A 151 23.82 -10.73 -22.76
N PHE A 152 24.17 -9.76 -21.92
CA PHE A 152 25.29 -8.87 -22.20
C PHE A 152 26.61 -9.64 -22.04
N GLN A 153 26.76 -10.36 -20.95
CA GLN A 153 27.98 -11.15 -20.73
C GLN A 153 28.17 -12.22 -21.80
N THR A 154 27.06 -12.79 -22.27
CA THR A 154 27.12 -13.95 -23.17
C THR A 154 27.12 -13.58 -24.65
N LYS A 155 26.27 -12.63 -25.05
CA LYS A 155 26.12 -12.27 -26.48
C LYS A 155 26.55 -10.84 -26.80
N GLY A 156 26.83 -10.03 -25.78
CA GLY A 156 27.40 -8.72 -25.98
C GLY A 156 26.41 -7.57 -25.99
N TYR A 157 26.97 -6.40 -26.26
CA TYR A 157 26.26 -5.13 -26.22
C TYR A 157 24.95 -5.11 -27.01
N ASN A 158 24.94 -5.75 -28.16
CA ASN A 158 23.78 -5.68 -29.04
C ASN A 158 22.59 -6.53 -28.58
N LYS A 159 22.83 -7.48 -27.67
CA LYS A 159 21.73 -8.27 -27.11
C LYS A 159 21.14 -7.65 -25.84
N VAL A 160 21.54 -6.42 -25.55
CA VAL A 160 20.91 -5.63 -24.50
C VAL A 160 19.73 -4.88 -25.13
N SER A 161 18.56 -4.95 -24.50
CA SER A 161 17.37 -4.28 -25.05
C SER A 161 17.45 -2.77 -24.93
N PRO A 162 16.92 -2.04 -25.94
CA PRO A 162 16.86 -0.60 -25.81
C PRO A 162 15.85 -0.16 -24.73
N PHE A 163 14.95 -1.06 -24.35
CA PHE A 163 13.98 -0.78 -23.31
C PHE A 163 14.49 -1.22 -21.96
N PHE A 164 15.77 -1.56 -21.86
CA PHE A 164 16.31 -2.06 -20.60
C PHE A 164 16.21 -0.97 -19.54
N VAL A 165 16.67 0.23 -19.85
CA VAL A 165 16.66 1.28 -18.85
C VAL A 165 15.22 1.66 -18.44
N PRO A 166 14.34 1.96 -19.42
CA PRO A 166 12.90 2.20 -19.16
C PRO A 166 12.19 1.09 -18.43
N LYS A 167 12.69 -0.12 -18.51
CA LYS A 167 12.08 -1.23 -17.82
C LYS A 167 12.55 -1.35 -16.37
N ILE A 168 13.74 -0.85 -16.04
CA ILE A 168 14.27 -1.02 -14.70
C ILE A 168 14.22 0.22 -13.78
N LEU A 169 13.81 1.38 -14.28
CA LEU A 169 13.74 2.59 -13.42
C LEU A 169 12.46 2.64 -12.60
N VAL A 170 12.60 2.98 -11.32
CA VAL A 170 11.47 3.00 -10.41
C VAL A 170 10.33 3.88 -10.85
N ASN A 171 10.68 5.01 -11.47
CA ASN A 171 9.65 5.99 -11.91
C ASN A 171 8.91 5.64 -13.20
N MET A 172 9.19 4.48 -13.78
CA MET A 172 8.62 4.20 -15.11
C MET A 172 7.13 3.83 -15.09
N ALA A 173 6.65 3.24 -13.99
CA ALA A 173 5.20 3.05 -13.80
C ALA A 173 4.47 4.40 -13.79
N ALA A 174 4.99 5.34 -12.99
CA ALA A 174 4.44 6.70 -12.94
C ALA A 174 4.49 7.32 -14.35
N GLY A 175 5.62 7.15 -15.03
CA GLY A 175 5.79 7.68 -16.39
C GLY A 175 4.86 7.08 -17.42
N GLN A 176 4.68 5.77 -17.38
CA GLN A 176 3.77 5.10 -18.33
C GLN A 176 2.31 5.46 -18.09
N VAL A 177 1.88 5.59 -16.84
CA VAL A 177 0.50 5.96 -16.50
C VAL A 177 0.19 7.41 -16.98
N SER A 178 1.16 8.30 -16.78
CA SER A 178 1.12 9.66 -17.31
C SER A 178 0.95 9.75 -18.86
N ILE A 179 1.77 9.01 -19.59
CA ILE A 179 1.72 9.03 -21.04
C ILE A 179 0.42 8.41 -21.54
N ARG A 180 0.01 7.32 -20.89
CA ARG A 180 -1.18 6.57 -21.35
C ARG A 180 -2.46 7.37 -21.21
N TYR A 181 -2.57 8.12 -20.11
CA TYR A 181 -3.75 8.96 -19.83
C TYR A 181 -3.57 10.46 -20.00
N LYS A 182 -2.42 10.89 -20.51
CA LYS A 182 -2.10 12.29 -20.71
C LYS A 182 -2.20 13.09 -19.42
N LEU A 183 -1.52 12.62 -18.36
CA LEU A 183 -1.51 13.32 -17.09
C LEU A 183 -0.23 14.20 -17.01
N LYS A 184 -0.41 15.52 -16.93
CA LYS A 184 0.72 16.46 -17.12
C LYS A 184 1.08 17.24 -15.89
N GLY A 185 0.40 16.94 -14.78
CA GLY A 185 0.77 17.55 -13.52
C GLY A 185 2.03 16.92 -12.96
N PRO A 186 2.30 17.16 -11.68
CA PRO A 186 3.43 16.60 -11.03
C PRO A 186 3.56 15.13 -11.32
N ASN A 187 4.80 14.77 -11.62
CA ASN A 187 5.17 13.41 -11.92
C ASN A 187 6.25 12.97 -10.94
N HIS A 188 5.87 12.10 -10.02
CA HIS A 188 6.71 11.84 -8.86
C HIS A 188 6.65 10.36 -8.51
N ALA A 189 7.80 9.77 -8.16
CA ALA A 189 7.90 8.37 -7.72
C ALA A 189 8.80 8.23 -6.49
N VAL A 190 8.27 7.57 -5.49
CA VAL A 190 9.08 7.27 -4.29
C VAL A 190 9.47 5.82 -4.31
N SER A 191 10.51 5.53 -3.55
CA SER A 191 10.99 4.17 -3.35
C SER A 191 11.51 4.11 -1.92
N THR A 192 10.60 3.82 -1.01
CA THR A 192 10.93 3.73 0.40
C THR A 192 10.57 2.37 0.99
N ALA A 193 10.90 1.32 0.24
CA ALA A 193 10.64 -0.03 0.69
C ALA A 193 9.14 -0.25 1.01
N CSD A 194 8.86 -0.75 2.21
CA CSD A 194 7.49 -1.08 2.65
CB CSD A 194 7.70 -1.99 3.91
SG CSD A 194 9.06 -3.23 3.72
C CSD A 194 6.59 0.14 2.87
O CSD A 194 5.36 0.03 2.91
OD1 CSD A 194 10.65 -2.47 3.94
OD2 CSD A 194 9.16 -4.56 4.93
N THR A 195 7.19 1.33 3.01
CA THR A 195 6.45 2.59 3.22
C THR A 195 6.07 3.30 1.91
N THR A 196 6.57 2.81 0.80
CA THR A 196 6.39 3.45 -0.50
C THR A 196 4.96 3.98 -0.78
N GLY A 197 3.95 3.15 -0.55
CA GLY A 197 2.58 3.46 -1.00
C GLY A 197 1.92 4.49 -0.15
N ALA A 198 2.30 4.51 1.12
CA ALA A 198 1.84 5.52 2.09
C ALA A 198 2.40 6.90 1.77
N HIS A 199 3.70 6.98 1.50
CA HIS A 199 4.37 8.22 1.08
C HIS A 199 3.77 8.75 -0.21
N ALA A 200 3.54 7.85 -1.16
CA ALA A 200 2.91 8.25 -2.44
C ALA A 200 1.55 8.92 -2.25
N VAL A 201 0.70 8.35 -1.40
CA VAL A 201 -0.56 8.98 -1.09
C VAL A 201 -0.38 10.25 -0.26
N GLY A 202 0.53 10.23 0.70
CA GLY A 202 0.79 11.39 1.50
C GLY A 202 1.36 12.51 0.67
N ASP A 203 2.36 12.21 -0.18
CA ASP A 203 2.96 13.26 -1.00
C ASP A 203 1.90 13.80 -1.96
N SER A 204 1.04 12.93 -2.48
CA SER A 204 0.02 13.39 -3.40
C SER A 204 -0.99 14.29 -2.67
N PHE A 205 -1.28 13.95 -1.41
CA PHE A 205 -2.16 14.75 -0.56
C PHE A 205 -1.62 16.20 -0.37
N ARG A 206 -0.34 16.31 -0.02
CA ARG A 206 0.32 17.61 0.16
C ARG A 206 0.40 18.40 -1.16
N PHE A 207 0.66 17.72 -2.27
CA PHE A 207 0.68 18.43 -3.59
C PHE A 207 -0.65 19.06 -3.93
N ILE A 208 -1.73 18.30 -3.81
CA ILE A 208 -3.07 18.87 -4.05
C ILE A 208 -3.40 19.97 -3.03
N ALA A 209 -3.19 19.70 -1.74
CA ALA A 209 -3.45 20.69 -0.72
C ALA A 209 -2.76 22.06 -1.00
N HIS A 210 -1.48 21.98 -1.38
CA HIS A 210 -0.62 23.15 -1.58
C HIS A 210 -0.91 23.87 -2.89
N GLY A 211 -1.50 23.18 -3.85
CA GLY A 211 -1.89 23.85 -5.12
C GLY A 211 -1.12 23.36 -6.33
N ASP A 212 -0.20 22.42 -6.13
CA ASP A 212 0.53 21.90 -7.29
C ASP A 212 -0.33 21.16 -8.30
N ALA A 213 -1.48 20.67 -7.87
CA ALA A 213 -2.34 19.83 -8.69
C ALA A 213 -3.74 19.85 -8.14
N ASP A 214 -4.74 19.62 -8.98
CA ASP A 214 -6.11 19.36 -8.46
C ASP A 214 -6.49 17.87 -8.38
N VAL A 215 -5.75 17.00 -9.09
CA VAL A 215 -6.02 15.54 -9.05
C VAL A 215 -4.68 14.88 -9.12
N MET A 216 -4.51 13.81 -8.35
CA MET A 216 -3.35 12.96 -8.41
C MET A 216 -3.76 11.49 -8.51
N VAL A 217 -3.15 10.79 -9.44
CA VAL A 217 -3.27 9.36 -9.55
C VAL A 217 -2.11 8.74 -8.74
N ALA A 218 -2.45 8.29 -7.53
CA ALA A 218 -1.47 8.06 -6.50
C ALA A 218 -1.45 6.60 -6.05
N GLY A 219 -0.26 6.03 -5.83
CA GLY A 219 -0.20 4.67 -5.25
C GLY A 219 1.15 3.98 -5.30
N GLY A 220 1.10 2.65 -5.31
CA GLY A 220 2.28 1.83 -5.27
C GLY A 220 2.14 0.57 -6.07
N THR A 221 3.28 0.01 -6.46
CA THR A 221 3.28 -1.22 -7.21
C THR A 221 4.53 -1.98 -6.89
N ASP A 222 4.42 -3.30 -6.85
CA ASP A 222 5.58 -4.16 -6.72
C ASP A 222 5.22 -5.57 -7.17
N SER A 223 6.14 -6.22 -7.85
CA SER A 223 5.90 -7.57 -8.34
C SER A 223 7.23 -8.23 -8.52
N CYS A 224 7.84 -8.61 -7.41
CA CYS A 224 9.21 -9.09 -7.44
C CYS A 224 9.40 -10.51 -6.89
N ILE A 225 8.31 -11.27 -6.72
CA ILE A 225 8.42 -12.67 -6.25
C ILE A 225 9.19 -13.45 -7.29
N SER A 226 10.40 -13.83 -6.92
CA SER A 226 11.25 -14.69 -7.70
C SER A 226 12.06 -15.40 -6.65
N PRO A 227 12.74 -16.51 -7.00
CA PRO A 227 13.62 -17.15 -6.05
C PRO A 227 14.69 -16.20 -5.47
N LEU A 228 15.28 -15.36 -6.30
CA LEU A 228 16.32 -14.44 -5.87
C LEU A 228 15.83 -13.40 -4.84
N SER A 229 14.69 -12.77 -5.10
CA SER A 229 14.13 -11.83 -4.13
C SER A 229 13.70 -12.53 -2.86
N LEU A 230 13.07 -13.69 -2.98
CA LEU A 230 12.67 -14.41 -1.80
C LEU A 230 13.92 -14.91 -1.06
N ALA A 231 14.97 -15.30 -1.79
CA ALA A 231 16.26 -15.66 -1.19
C ALA A 231 16.83 -14.50 -0.36
N GLY A 232 16.78 -13.28 -0.91
CA GLY A 232 17.28 -12.09 -0.25
C GLY A 232 16.52 -11.77 1.03
N PHE A 233 15.19 -11.79 0.99
CA PHE A 233 14.40 -11.44 2.17
C PHE A 233 14.56 -12.53 3.23
N SER A 234 14.62 -13.78 2.79
CA SER A 234 14.87 -14.93 3.66
C SER A 234 16.25 -14.83 4.35
N ARG A 235 17.31 -14.50 3.61
CA ARG A 235 18.64 -14.36 4.22
C ARG A 235 18.70 -13.21 5.23
N ALA A 236 17.89 -12.18 4.99
CA ALA A 236 17.72 -11.11 5.96
C ALA A 236 16.88 -11.54 7.19
N ARG A 237 16.40 -12.79 7.20
CA ARG A 237 15.63 -13.37 8.31
C ARG A 237 14.26 -12.72 8.50
N ALA A 238 13.68 -12.25 7.41
CA ALA A 238 12.46 -11.47 7.43
C ALA A 238 11.20 -12.28 7.12
N LEU A 239 11.37 -13.44 6.47
CA LEU A 239 10.26 -14.23 5.94
C LEU A 239 9.90 -15.42 6.80
N SER A 240 8.61 -15.68 6.91
CA SER A 240 8.13 -16.87 7.57
C SER A 240 8.63 -18.12 6.87
N THR A 241 9.10 -19.07 7.67
CA THR A 241 9.46 -20.40 7.19
C THR A 241 8.29 -21.39 7.37
N ASN A 242 7.15 -20.95 7.88
CA ASN A 242 5.95 -21.80 7.98
C ASN A 242 5.47 -22.22 6.59
N SER A 243 5.32 -23.53 6.43
CA SER A 243 5.00 -24.13 5.17
C SER A 243 3.51 -24.22 4.91
N ASP A 244 2.69 -23.91 5.92
CA ASP A 244 1.25 -23.97 5.78
C ASP A 244 0.72 -22.59 5.38
N PRO A 245 0.26 -22.45 4.12
CA PRO A 245 -0.15 -21.16 3.62
C PRO A 245 -1.40 -20.57 4.31
N LYS A 246 -2.24 -21.42 4.90
CA LYS A 246 -3.40 -20.94 5.63
C LYS A 246 -3.00 -20.35 6.96
N LEU A 247 -1.79 -20.65 7.41
CA LEU A 247 -1.34 -20.30 8.74
C LEU A 247 -0.10 -19.37 8.78
N ALA A 248 0.64 -19.25 7.69
CA ALA A 248 1.96 -18.62 7.74
C ALA A 248 1.97 -17.18 8.26
N CYS A 249 1.06 -16.38 7.74
CA CYS A 249 0.98 -14.96 8.04
C CYS A 249 -0.10 -14.73 9.08
N ARG A 250 0.33 -14.35 10.28
CA ARG A 250 -0.59 -14.20 11.39
C ARG A 250 -0.25 -13.01 12.30
N PRO A 251 -0.65 -11.82 11.87
CA PRO A 251 -0.24 -10.66 12.62
C PRO A 251 -0.72 -10.70 14.06
N PHE A 252 0.10 -10.19 14.97
CA PHE A 252 -0.17 -10.17 16.41
C PHE A 252 -0.30 -11.52 17.08
N HIS A 253 -0.07 -12.61 16.35
CA HIS A 253 -0.18 -13.96 16.92
C HIS A 253 1.12 -14.35 17.63
N PRO A 254 1.02 -15.15 18.71
CA PRO A 254 2.15 -15.68 19.47
C PRO A 254 3.22 -16.41 18.63
N LYS A 255 2.77 -17.03 17.55
CA LYS A 255 3.62 -17.88 16.75
C LYS A 255 4.09 -17.20 15.46
N ARG A 256 3.82 -15.90 15.33
CA ARG A 256 4.27 -15.15 14.16
C ARG A 256 5.78 -15.27 13.98
N ASP A 257 6.21 -15.40 12.74
CA ASP A 257 7.62 -15.76 12.47
C ASP A 257 8.18 -15.17 11.18
N GLY A 258 7.67 -14.00 10.81
CA GLY A 258 8.14 -13.30 9.59
C GLY A 258 7.01 -13.10 8.61
N PHE A 259 7.23 -12.20 7.65
CA PHE A 259 6.21 -11.90 6.66
C PHE A 259 6.17 -12.88 5.51
N VAL A 260 5.13 -12.70 4.69
CA VAL A 260 4.88 -13.49 3.51
C VAL A 260 4.79 -12.49 2.36
N MET A 261 5.62 -12.69 1.33
CA MET A 261 5.74 -11.75 0.22
C MET A 261 4.55 -11.89 -0.70
N GLY A 262 4.00 -10.75 -1.08
CA GLY A 262 2.97 -10.64 -2.12
C GLY A 262 3.38 -9.73 -3.25
N GLU A 263 2.45 -9.53 -4.17
CA GLU A 263 2.68 -8.68 -5.33
C GLU A 263 1.38 -7.99 -5.64
N GLY A 264 1.49 -6.87 -6.33
CA GLY A 264 0.30 -6.15 -6.73
C GLY A 264 0.51 -4.66 -6.87
N ALA A 265 -0.58 -3.99 -7.20
CA ALA A 265 -0.62 -2.55 -7.31
C ALA A 265 -1.92 -2.07 -6.76
N ALA A 266 -1.88 -0.86 -6.21
CA ALA A 266 -3.07 -0.22 -5.71
C ALA A 266 -2.94 1.27 -6.02
N VAL A 267 -4.01 1.85 -6.55
CA VAL A 267 -3.97 3.22 -6.98
C VAL A 267 -5.25 3.93 -6.47
N LEU A 268 -5.06 5.13 -5.93
CA LEU A 268 -6.15 5.97 -5.48
C LEU A 268 -6.11 7.26 -6.30
N VAL A 269 -7.30 7.75 -6.69
CA VAL A 269 -7.46 9.13 -7.20
C VAL A 269 -7.78 10.04 -6.04
N LEU A 270 -6.90 11.02 -5.78
CA LEU A 270 -7.09 12.02 -4.73
C LEU A 270 -7.48 13.26 -5.49
N GLU A 271 -8.25 14.12 -4.86
CA GLU A 271 -8.80 15.18 -5.63
C GLU A 271 -9.05 16.30 -4.68
N GLU A 272 -8.87 17.48 -5.19
CA GLU A 272 -9.25 18.65 -4.44
C GLU A 272 -10.77 18.66 -4.16
N TYR A 273 -11.12 19.02 -2.93
CA TYR A 273 -12.49 18.89 -2.45
C TYR A 273 -13.53 19.70 -3.26
N GLU A 274 -13.25 20.97 -3.48
CA GLU A 274 -14.17 21.80 -4.28
C GLU A 274 -14.31 21.28 -5.69
N HIS A 275 -13.18 20.86 -6.26
CA HIS A 275 -13.13 20.19 -7.57
C HIS A 275 -14.05 18.94 -7.62
N ALA A 276 -14.00 18.12 -6.57
CA ALA A 276 -14.83 16.91 -6.51
C ALA A 276 -16.31 17.29 -6.44
N VAL A 277 -16.62 18.31 -5.64
CA VAL A 277 -17.99 18.71 -5.41
C VAL A 277 -18.58 19.38 -6.65
N GLN A 278 -17.83 20.29 -7.29
CA GLN A 278 -18.31 20.93 -8.54
C GLN A 278 -18.54 19.99 -9.73
N ARG A 279 -17.83 18.87 -9.82
CA ARG A 279 -18.12 17.94 -10.91
C ARG A 279 -19.10 16.84 -10.46
N ARG A 280 -19.44 16.83 -9.17
CA ARG A 280 -20.44 15.87 -8.64
C ARG A 280 -19.94 14.44 -8.70
N ALA A 281 -18.71 14.29 -8.20
CA ALA A 281 -18.04 13.01 -8.06
C ALA A 281 -18.45 12.36 -6.75
N ARG A 282 -18.35 11.04 -6.69
CA ARG A 282 -18.53 10.34 -5.41
C ARG A 282 -17.25 10.39 -4.56
N ILE A 283 -17.39 10.83 -3.30
CA ILE A 283 -16.24 10.96 -2.41
C ILE A 283 -16.29 9.83 -1.40
N TYR A 284 -15.23 9.04 -1.31
CA TYR A 284 -15.16 8.01 -0.28
C TYR A 284 -14.84 8.55 1.11
N ALA A 285 -13.83 9.42 1.15
CA ALA A 285 -13.27 9.91 2.40
C ALA A 285 -12.39 11.12 2.12
N GLU A 286 -12.00 11.78 3.19
CA GLU A 286 -11.10 12.94 3.14
C GLU A 286 -9.76 12.50 3.68
N VAL A 287 -8.67 13.03 3.10
CA VAL A 287 -7.37 12.81 3.71
C VAL A 287 -7.11 13.99 4.61
N LEU A 288 -6.99 13.74 5.90
CA LEU A 288 -6.78 14.82 6.87
C LEU A 288 -5.32 15.09 7.20
N GLY A 289 -4.47 14.06 7.29
CA GLY A 289 -3.14 14.25 7.74
C GLY A 289 -2.13 13.23 7.28
N TYR A 290 -0.86 13.59 7.38
CA TYR A 290 0.28 12.78 6.94
C TYR A 290 1.48 13.00 7.89
N GLY A 291 2.01 11.90 8.38
CA GLY A 291 3.08 11.90 9.35
C GLY A 291 4.19 11.03 8.86
N LEU A 292 5.43 11.48 9.10
CA LEU A 292 6.63 10.77 8.65
C LEU A 292 7.68 10.75 9.77
N SER A 293 8.44 9.68 9.89
CA SER A 293 9.53 9.70 10.85
C SER A 293 10.56 8.67 10.49
N GLY A 294 11.65 8.69 11.25
CA GLY A 294 12.71 7.73 11.04
C GLY A 294 13.05 7.17 12.39
N ASP A 295 13.23 5.85 12.45
CA ASP A 295 13.75 5.17 13.65
C ASP A 295 15.18 5.63 14.01
N ALA A 296 16.06 5.72 13.01
CA ALA A 296 17.48 6.04 13.26
C ALA A 296 18.07 4.96 14.17
N GLY A 297 17.71 3.70 13.89
CA GLY A 297 18.05 2.56 14.75
C GLY A 297 18.77 1.49 13.95
N HIS A 298 18.01 0.59 13.34
CA HIS A 298 18.59 -0.53 12.57
C HIS A 298 18.06 -0.50 11.13
N ILE A 299 18.78 -1.14 10.23
CA ILE A 299 18.44 -1.08 8.79
C ILE A 299 17.34 -2.02 8.40
N THR A 300 17.09 -3.06 9.19
CA THR A 300 16.01 -4.00 8.92
C THR A 300 15.03 -4.16 10.08
N ALA A 301 15.50 -4.08 11.31
CA ALA A 301 14.66 -4.27 12.48
C ALA A 301 14.16 -2.93 13.02
N PRO A 302 12.90 -2.91 13.50
CA PRO A 302 12.28 -1.71 14.02
C PRO A 302 12.74 -1.41 15.43
N ASP A 303 12.60 -0.16 15.81
CA ASP A 303 12.74 0.26 17.18
C ASP A 303 11.90 -0.70 18.01
N PRO A 304 12.52 -1.43 18.93
CA PRO A 304 11.70 -2.43 19.63
C PRO A 304 10.60 -1.82 20.51
N GLU A 305 10.81 -0.60 21.01
CA GLU A 305 9.77 0.13 21.74
C GLU A 305 8.81 0.90 20.83
N GLY A 306 9.05 0.83 19.52
CA GLY A 306 8.19 1.50 18.55
C GLY A 306 8.18 3.02 18.60
N GLU A 307 9.26 3.62 19.06
CA GLU A 307 9.29 5.09 19.21
C GLU A 307 9.06 5.82 17.91
N GLY A 308 9.59 5.28 16.82
CA GLY A 308 9.42 5.94 15.51
C GLY A 308 8.00 5.81 15.01
N ALA A 309 7.38 4.63 15.24
CA ALA A 309 5.94 4.44 15.00
C ALA A 309 5.10 5.48 15.76
N LEU A 310 5.41 5.68 17.04
CA LEU A 310 4.65 6.61 17.84
C LEU A 310 4.79 8.02 17.33
N ARG A 311 5.99 8.37 16.86
CA ARG A 311 6.21 9.70 16.29
C ARG A 311 5.50 9.94 14.95
N CYS A 312 5.47 8.99 14.01
CA CYS A 312 4.76 9.25 12.72
C CYS A 312 3.26 9.28 12.92
N MET A 313 2.73 8.49 13.86
CA MET A 313 1.30 8.54 14.17
C MET A 313 0.99 9.88 14.84
N ALA A 314 1.81 10.29 15.79
CA ALA A 314 1.60 11.61 16.43
C ALA A 314 1.64 12.76 15.41
N ALA A 315 2.59 12.70 14.49
CA ALA A 315 2.75 13.70 13.43
C ALA A 315 1.54 13.79 12.52
N ALA A 316 0.99 12.63 12.15
CA ALA A 316 -0.23 12.61 11.33
C ALA A 316 -1.42 13.20 12.05
N LEU A 317 -1.56 12.92 13.34
CA LEU A 317 -2.61 13.53 14.16
C LEU A 317 -2.45 15.05 14.28
N LYS A 318 -1.21 15.50 14.44
CA LYS A 318 -0.89 16.93 14.48
C LYS A 318 -1.22 17.56 13.14
N ASP A 319 -0.85 16.91 12.04
CA ASP A 319 -1.15 17.46 10.70
C ASP A 319 -2.67 17.53 10.44
N ALA A 320 -3.39 16.47 10.83
CA ALA A 320 -4.87 16.42 10.78
C ALA A 320 -5.63 17.39 11.69
N GLY A 321 -4.99 17.77 12.79
CA GLY A 321 -5.66 18.51 13.86
C GLY A 321 -6.64 17.65 14.65
N VAL A 322 -6.30 16.37 14.83
CA VAL A 322 -7.21 15.38 15.40
C VAL A 322 -6.55 14.86 16.66
N GLN A 323 -7.33 14.80 17.75
CA GLN A 323 -6.86 14.22 18.99
C GLN A 323 -6.90 12.71 18.91
N PRO A 324 -6.03 12.04 19.69
CA PRO A 324 -6.04 10.58 19.77
C PRO A 324 -7.44 10.00 19.98
N GLU A 325 -8.22 10.63 20.88
CA GLU A 325 -9.55 10.12 21.23
C GLU A 325 -10.57 10.23 20.13
N GLU A 326 -10.26 10.90 19.03
CA GLU A 326 -11.17 10.94 17.89
C GLU A 326 -10.96 9.82 16.89
N ILE A 327 -9.90 9.01 17.06
CA ILE A 327 -9.63 7.90 16.15
C ILE A 327 -10.47 6.65 16.47
N SER A 328 -11.06 6.09 15.41
CA SER A 328 -11.92 4.92 15.52
C SER A 328 -11.23 3.63 15.09
N TYR A 329 -10.33 3.72 14.11
CA TYR A 329 -9.77 2.52 13.52
C TYR A 329 -8.30 2.76 13.18
N ILE A 330 -7.46 1.75 13.40
CA ILE A 330 -6.10 1.75 12.86
C ILE A 330 -5.85 0.51 11.99
N ASN A 331 -5.54 0.75 10.72
CA ASN A 331 -5.05 -0.30 9.86
C ASN A 331 -3.55 -0.44 10.12
N ALA A 332 -3.20 -1.47 10.86
CA ALA A 332 -1.85 -1.69 11.31
C ALA A 332 -0.90 -2.09 10.22
N HIS A 333 0.37 -1.71 10.36
CA HIS A 333 1.35 -2.20 9.41
C HIS A 333 1.57 -3.71 9.62
N ALA A 334 1.49 -4.12 10.90
CA ALA A 334 1.83 -5.46 11.39
C ALA A 334 1.91 -6.56 10.34
N THR A 335 3.14 -6.92 10.01
CA THR A 335 3.42 -7.88 8.94
C THR A 335 3.59 -9.32 9.38
N SER A 336 3.36 -9.61 10.67
CA SER A 336 3.56 -10.95 11.28
C SER A 336 5.02 -11.26 11.68
N THR A 337 5.69 -10.25 12.20
CA THR A 337 7.05 -10.43 12.71
C THR A 337 7.06 -10.27 14.23
N PRO A 338 7.91 -11.04 14.91
CA PRO A 338 8.10 -10.95 16.36
C PRO A 338 8.33 -9.51 16.84
N LEU A 339 9.35 -8.84 16.35
CA LEU A 339 9.70 -7.51 16.85
C LEU A 339 8.75 -6.45 16.33
N GLY A 340 8.38 -6.54 15.06
CA GLY A 340 7.56 -5.50 14.44
C GLY A 340 6.18 -5.36 15.03
N ASP A 341 5.46 -6.47 15.16
CA ASP A 341 4.09 -6.40 15.60
C ASP A 341 4.03 -5.86 17.03
N ALA A 342 4.95 -6.32 17.86
CA ALA A 342 5.06 -5.87 19.27
C ALA A 342 5.38 -4.40 19.41
N ALA A 343 6.36 -3.94 18.62
CA ALA A 343 6.73 -2.52 18.58
C ALA A 343 5.54 -1.68 18.24
N GLU A 344 4.81 -2.07 17.20
CA GLU A 344 3.65 -1.28 16.77
C GLU A 344 2.53 -1.26 17.82
N ASN A 345 2.26 -2.41 18.41
CA ASN A 345 1.33 -2.56 19.53
C ASN A 345 1.63 -1.57 20.66
N LYS A 346 2.90 -1.55 21.07
CA LYS A 346 3.37 -0.62 22.12
C LYS A 346 3.18 0.85 21.75
N ALA A 347 3.53 1.20 20.52
CA ALA A 347 3.34 2.54 20.00
C ALA A 347 1.88 2.98 20.19
N ILE A 348 0.94 2.17 19.72
CA ILE A 348 -0.50 2.46 19.81
C ILE A 348 -0.95 2.65 21.26
N LYS A 349 -0.61 1.69 22.11
CA LYS A 349 -0.90 1.83 23.54
C LYS A 349 -0.29 3.09 24.14
N HIS A 350 0.95 3.39 23.76
CA HIS A 350 1.61 4.58 24.29
C HIS A 350 0.96 5.86 23.80
N LEU A 351 0.56 5.96 22.53
CA LEU A 351 -0.01 7.20 22.04
C LEU A 351 -1.45 7.37 22.50
N PHE A 352 -2.23 6.30 22.40
CA PHE A 352 -3.66 6.35 22.65
C PHE A 352 -4.06 6.10 24.10
N LYS A 353 -3.16 5.53 24.90
CA LYS A 353 -3.42 5.39 26.34
C LYS A 353 -4.74 4.62 26.55
N ASP A 354 -5.68 5.09 27.37
CA ASP A 354 -6.91 4.33 27.60
C ASP A 354 -7.82 4.21 26.36
N HIS A 355 -7.70 5.14 25.42
CA HIS A 355 -8.47 5.06 24.20
C HIS A 355 -7.99 3.94 23.26
N ALA A 356 -6.82 3.34 23.52
CA ALA A 356 -6.33 2.20 22.74
C ALA A 356 -7.36 1.07 22.75
N TYR A 357 -8.07 0.94 23.86
CA TYR A 357 -9.05 -0.11 24.09
C TYR A 357 -10.45 0.26 23.68
N ALA A 358 -10.68 1.51 23.26
CA ALA A 358 -11.95 1.94 22.73
C ALA A 358 -11.97 1.92 21.23
N LEU A 359 -10.80 2.00 20.61
CA LEU A 359 -10.69 1.89 19.16
C LEU A 359 -10.50 0.43 18.70
N ALA A 360 -10.57 0.19 17.41
CA ALA A 360 -10.17 -1.09 16.84
C ALA A 360 -8.95 -1.00 15.93
N VAL A 361 -8.17 -2.07 15.91
CA VAL A 361 -6.94 -2.15 15.12
C VAL A 361 -7.07 -3.41 14.27
N SER A 362 -6.79 -3.37 12.96
CA SER A 362 -6.57 -4.63 12.23
C SER A 362 -5.42 -4.53 11.25
N SER A 363 -4.85 -5.70 10.95
CA SER A 363 -3.86 -5.82 9.89
C SER A 363 -4.41 -6.76 8.85
N THR A 364 -4.43 -6.26 7.63
CA THR A 364 -4.97 -7.00 6.50
C THR A 364 -3.93 -7.80 5.74
N LYS A 365 -2.69 -7.85 6.25
CA LYS A 365 -1.59 -8.60 5.61
C LYS A 365 -1.77 -10.14 5.62
N GLY A 366 -2.59 -10.67 6.52
CA GLY A 366 -3.01 -12.07 6.45
C GLY A 366 -3.77 -12.41 5.17
N ALA A 367 -4.40 -11.40 4.57
CA ALA A 367 -5.17 -11.56 3.32
C ALA A 367 -4.35 -11.37 2.04
N THR A 368 -3.57 -10.29 2.01
CA THR A 368 -2.88 -9.82 0.82
C THR A 368 -1.46 -10.33 0.71
N GLY A 369 -0.89 -10.71 1.83
CA GLY A 369 0.54 -10.80 1.95
C GLY A 369 1.08 -9.40 2.11
N HIS A 370 2.40 -9.30 2.22
CA HIS A 370 3.09 -8.02 2.29
C HIS A 370 3.40 -7.55 0.86
N LEU A 371 2.76 -6.48 0.40
CA LEU A 371 2.86 -6.12 -1.01
C LEU A 371 3.97 -5.11 -1.29
N LEU A 372 4.82 -4.92 -0.29
CA LEU A 372 6.06 -4.15 -0.41
C LEU A 372 5.70 -2.72 -0.82
N GLY A 373 6.15 -2.28 -1.98
CA GLY A 373 5.84 -0.96 -2.49
C GLY A 373 4.36 -0.65 -2.63
N ALA A 374 3.53 -1.68 -2.72
CA ALA A 374 2.08 -1.52 -2.85
C ALA A 374 1.35 -1.60 -1.51
N ALA A 375 1.99 -2.14 -0.46
CA ALA A 375 1.32 -2.34 0.83
C ALA A 375 0.65 -1.10 1.39
N GLY A 376 1.37 0.00 1.36
CA GLY A 376 0.87 1.23 1.95
C GLY A 376 -0.29 1.87 1.24
N ALA A 377 -0.30 1.75 -0.08
CA ALA A 377 -1.44 2.19 -0.90
C ALA A 377 -2.62 1.21 -0.80
N VAL A 378 -2.40 -0.10 -0.85
CA VAL A 378 -3.55 -1.01 -0.70
C VAL A 378 -4.18 -0.86 0.68
N GLU A 379 -3.37 -0.57 1.68
CA GLU A 379 -3.88 -0.41 3.03
C GLU A 379 -4.56 0.96 3.25
N ALA A 380 -4.07 1.99 2.56
CA ALA A 380 -4.81 3.28 2.51
C ALA A 380 -6.18 3.11 1.82
N ALA A 381 -6.26 2.32 0.76
CA ALA A 381 -7.56 2.01 0.09
C ALA A 381 -8.53 1.29 1.01
N PHE A 382 -8.04 0.28 1.71
CA PHE A 382 -8.86 -0.45 2.70
C PHE A 382 -9.31 0.46 3.85
N THR A 383 -8.45 1.40 4.30
CA THR A 383 -8.79 2.30 5.38
C THR A 383 -9.82 3.28 4.91
N THR A 384 -9.70 3.68 3.64
CA THR A 384 -10.67 4.53 2.99
C THR A 384 -12.01 3.80 2.90
N LEU A 385 -12.04 2.57 2.39
CA LEU A 385 -13.28 1.78 2.44
C LEU A 385 -13.90 1.58 3.86
N ALA A 386 -13.05 1.27 4.82
CA ALA A 386 -13.47 1.17 6.20
C ALA A 386 -14.22 2.45 6.65
N CYS A 387 -13.66 3.63 6.38
CA CYS A 387 -14.30 4.90 6.81
C CYS A 387 -15.63 5.14 6.08
N TYR A 388 -15.66 4.82 4.80
CA TYR A 388 -16.84 5.03 4.01
C TYR A 388 -17.95 4.12 4.46
N TYR A 389 -17.65 2.85 4.74
CA TYR A 389 -18.68 1.91 5.14
C TYR A 389 -18.92 1.82 6.62
N GLN A 390 -18.00 2.36 7.41
CA GLN A 390 -17.98 2.09 8.85
C GLN A 390 -17.98 0.59 9.18
N LYS A 391 -17.15 -0.14 8.46
CA LYS A 391 -17.02 -1.57 8.66
C LYS A 391 -15.57 -1.98 8.47
N LEU A 392 -15.07 -2.77 9.43
CA LEU A 392 -13.65 -3.03 9.54
C LEU A 392 -13.31 -4.41 9.11
N PRO A 393 -12.24 -4.54 8.33
CA PRO A 393 -11.81 -5.87 7.92
C PRO A 393 -11.09 -6.59 9.04
N PRO A 394 -11.11 -7.91 9.02
CA PRO A 394 -10.47 -8.65 10.10
C PRO A 394 -8.97 -8.81 9.97
N THR A 395 -8.32 -9.12 11.10
CA THR A 395 -6.99 -9.63 11.14
C THR A 395 -7.13 -11.17 11.02
N LEU A 396 -6.51 -11.78 10.02
CA LEU A 396 -6.62 -13.22 9.82
C LEU A 396 -5.73 -13.99 10.77
N ASN A 397 -6.16 -15.22 11.08
CA ASN A 397 -5.40 -16.19 11.87
C ASN A 397 -5.20 -15.83 13.33
N LEU A 398 -5.91 -14.82 13.84
CA LEU A 398 -5.61 -14.38 15.19
C LEU A 398 -6.48 -15.21 16.14
N ASP A 399 -6.02 -16.42 16.44
CA ASP A 399 -6.80 -17.38 17.24
C ASP A 399 -6.26 -17.56 18.68
N CYS A 400 -5.20 -16.84 19.03
CA CYS A 400 -4.80 -16.70 20.45
C CYS A 400 -3.96 -15.44 20.62
N SER A 401 -3.64 -15.08 21.86
CA SER A 401 -2.97 -13.83 22.15
CA SER A 401 -2.96 -13.82 22.15
C SER A 401 -2.08 -13.94 23.37
N GLU A 402 -0.93 -13.28 23.33
CA GLU A 402 -0.08 -13.13 24.51
C GLU A 402 -0.76 -12.06 25.35
N PRO A 403 -0.50 -12.01 26.67
CA PRO A 403 -1.17 -11.01 27.52
C PRO A 403 -1.06 -9.54 27.10
N GLU A 404 0.03 -9.14 26.42
CA GLU A 404 0.22 -7.72 26.04
C GLU A 404 -0.53 -7.34 24.76
N PHE A 405 -1.00 -8.35 24.04
CA PHE A 405 -1.73 -8.16 22.80
C PHE A 405 -3.21 -8.23 23.12
N ASP A 406 -3.70 -7.17 23.77
CA ASP A 406 -5.02 -7.17 24.40
C ASP A 406 -5.97 -6.06 23.91
N LEU A 407 -5.67 -5.53 22.72
CA LEU A 407 -6.56 -4.61 22.03
C LEU A 407 -7.58 -5.40 21.24
N ASN A 408 -8.51 -4.69 20.64
CA ASN A 408 -9.45 -5.33 19.75
C ASN A 408 -8.80 -5.40 18.36
N TYR A 409 -8.31 -6.58 17.96
CA TYR A 409 -7.62 -6.70 16.68
C TYR A 409 -8.58 -7.11 15.53
N VAL A 410 -9.89 -6.98 15.78
CA VAL A 410 -10.92 -7.46 14.86
C VAL A 410 -10.55 -8.84 14.32
N PRO A 411 -10.31 -9.81 15.23
CA PRO A 411 -9.77 -11.09 14.84
C PRO A 411 -10.77 -11.84 14.05
N LEU A 412 -10.39 -12.28 12.86
CA LEU A 412 -11.05 -13.33 12.11
C LEU A 412 -12.38 -12.90 11.45
N LYS A 413 -13.17 -12.06 12.10
CA LYS A 413 -14.43 -11.65 11.53
C LYS A 413 -14.54 -10.17 11.48
N ALA A 414 -15.01 -9.67 10.35
CA ALA A 414 -15.28 -8.24 10.20
C ALA A 414 -16.30 -7.74 11.19
N GLN A 415 -16.25 -6.43 11.45
CA GLN A 415 -17.12 -5.84 12.42
C GLN A 415 -17.56 -4.50 11.95
N GLU A 416 -18.88 -4.26 11.96
CA GLU A 416 -19.46 -2.91 11.85
C GLU A 416 -19.09 -2.07 13.06
N TRP A 417 -18.90 -0.78 12.80
CA TRP A 417 -18.28 0.15 13.73
C TRP A 417 -18.81 1.56 13.39
N LYS A 418 -20.13 1.70 13.41
CA LYS A 418 -20.80 2.95 13.10
C LYS A 418 -20.67 3.99 14.21
N THR A 419 -20.77 5.26 13.84
CA THR A 419 -21.02 6.36 14.79
C THR A 419 -21.82 7.47 14.16
N GLU A 420 -22.38 8.33 14.99
CA GLU A 420 -22.92 9.61 14.54
C GLU A 420 -21.77 10.63 14.51
N LYS A 421 -20.70 10.35 15.26
CA LYS A 421 -19.44 11.07 15.16
C LYS A 421 -18.75 10.77 13.82
N ARG A 422 -17.72 11.53 13.48
CA ARG A 422 -16.97 11.27 12.25
C ARG A 422 -16.11 10.04 12.45
N PHE A 423 -16.11 9.15 11.47
CA PHE A 423 -15.29 7.97 11.52
C PHE A 423 -13.88 8.34 11.04
N ILE A 424 -12.92 8.43 11.96
CA ILE A 424 -11.54 8.76 11.57
C ILE A 424 -10.63 7.53 11.77
N GLY A 425 -9.83 7.25 10.76
CA GLY A 425 -8.87 6.14 10.77
C GLY A 425 -7.44 6.58 10.54
N LEU A 426 -6.49 5.74 10.98
CA LEU A 426 -5.07 5.84 10.62
C LEU A 426 -4.67 4.57 9.90
N THR A 427 -3.68 4.70 9.05
CA THR A 427 -3.01 3.57 8.38
C THR A 427 -1.50 3.81 8.48
N ASN A 428 -0.80 2.81 9.03
CA ASN A 428 0.62 2.88 9.29
C ASN A 428 1.38 2.05 8.30
N SER A 429 2.55 2.56 7.94
CA SER A 429 3.47 1.84 7.10
C SER A 429 4.93 2.04 7.54
N PHE A 430 5.62 0.98 7.90
CA PHE A 430 7.02 1.06 8.29
C PHE A 430 7.88 0.17 7.40
N GLY A 431 9.13 0.54 7.22
CA GLY A 431 9.95 -0.09 6.19
C GLY A 431 11.39 -0.20 6.60
N PHE A 432 12.08 -1.10 5.91
CA PHE A 432 13.54 -1.26 5.99
C PHE A 432 14.16 0.11 5.82
N GLY A 433 15.19 0.36 6.63
CA GLY A 433 15.84 1.64 6.74
C GLY A 433 15.25 2.47 7.87
N GLY A 434 14.30 1.88 8.59
CA GLY A 434 13.53 2.61 9.61
C GLY A 434 12.65 3.74 9.13
N THR A 435 12.23 3.71 7.87
CA THR A 435 11.36 4.75 7.34
C THR A 435 9.86 4.51 7.69
N ASN A 436 9.25 5.49 8.37
CA ASN A 436 7.86 5.39 8.82
C ASN A 436 6.93 6.46 8.24
N ALA A 437 5.70 6.04 7.94
CA ALA A 437 4.65 6.99 7.57
C ALA A 437 3.29 6.59 8.14
N THR A 438 2.47 7.59 8.49
CA THR A 438 1.08 7.34 8.86
C THR A 438 0.21 8.23 8.00
N LEU A 439 -0.92 7.71 7.55
CA LEU A 439 -1.96 8.55 6.97
C LEU A 439 -3.18 8.63 7.89
N CYS A 440 -3.80 9.81 7.98
CA CYS A 440 -5.07 9.99 8.71
C CYS A 440 -6.16 10.28 7.69
N ILE A 441 -7.17 9.41 7.66
CA ILE A 441 -8.22 9.43 6.63
C ILE A 441 -9.55 9.32 7.37
N ALA A 442 -10.52 10.13 6.95
CA ALA A 442 -11.80 10.26 7.62
C ALA A 442 -12.99 10.18 6.67
N GLY A 443 -14.07 9.55 7.17
CA GLY A 443 -15.32 9.56 6.44
C GLY A 443 -15.89 10.97 6.47
N LEU A 444 -16.78 11.27 5.53
CA LEU A 444 -17.39 12.61 5.50
C LEU A 444 -18.52 12.75 6.54
NI NI B . 1.75 24.35 1.32
#